data_5VSL
#
_entry.id   5VSL
#
_cell.length_a   58.934
_cell.length_b   73.854
_cell.length_c   141.872
_cell.angle_alpha   90.00
_cell.angle_beta   90.00
_cell.angle_gamma   90.00
#
_symmetry.space_group_name_H-M   'P 21 21 21'
#
loop_
_entity.id
_entity.type
_entity.pdbx_description
1 polymer 'Radical S-adenosyl methionine domain-containing protein 2'
2 non-polymer 'IRON/SULFUR CLUSTER'
3 non-polymer S-ADENOSYL-L-HOMOCYSTEINE
4 water water
#
_entity_poly.entity_id   1
_entity_poly.type   'polypeptide(L)'
_entity_poly.pdbx_seq_one_letter_code
;GKEQPQVRGELEETQETQEDGNSTQRTTPVSVNYHFTRQCNYKCGFCFHTAKTSFVLPLEEAKRGLLLLKQAGLEKINFS
GGEPFLQDRGEYLGKLVRFCKEELALPSVSIVSNGSLIRERWFKDYGEYLDILAISCDSFDEQVNALIGRGQGKKNHVEN
LQKLRRWCRDYKVAFKINSVINRFNVDEDMNEHIKALSPVRWKVFQCLLIEGENSGEDALREAERFLISNEEFETFLERH
KEVSCLVPESNQKMKDSYLILDEYMRFLNCTGGRKDPSKSILDVGVEEAIKFSGFDEKMFLKRGGKYVWSKADLKLDW
;
_entity_poly.pdbx_strand_id   A,B
#
loop_
_chem_comp.id
_chem_comp.type
_chem_comp.name
_chem_comp.formula
SF4 non-polymer 'IRON/SULFUR CLUSTER' 'Fe4 S4'
#
# COMPACT_ATOMS: atom_id res chain seq x y z
N THR A 28 -12.46 -31.06 0.41
CA THR A 28 -13.50 -31.35 1.39
C THR A 28 -13.33 -30.50 2.66
N PRO A 29 -13.72 -29.23 2.58
CA PRO A 29 -13.48 -28.32 3.72
C PRO A 29 -14.70 -28.18 4.62
N VAL A 30 -14.50 -27.64 5.82
CA VAL A 30 -15.59 -27.42 6.76
C VAL A 30 -16.02 -25.96 6.78
N SER A 31 -15.05 -25.04 6.65
CA SER A 31 -15.27 -23.60 6.61
C SER A 31 -14.48 -23.01 5.46
N VAL A 32 -14.99 -21.92 4.88
CA VAL A 32 -14.37 -21.29 3.70
C VAL A 32 -14.57 -19.78 3.76
N ASN A 33 -13.52 -19.03 3.38
CA ASN A 33 -13.60 -17.57 3.21
C ASN A 33 -13.72 -17.24 1.73
N TYR A 34 -14.92 -16.86 1.29
CA TYR A 34 -15.19 -16.58 -0.11
C TYR A 34 -15.06 -15.08 -0.35
N HIS A 35 -13.90 -14.67 -0.89
CA HIS A 35 -13.67 -13.28 -1.29
C HIS A 35 -14.18 -13.11 -2.71
N PHE A 36 -15.50 -12.92 -2.81
CA PHE A 36 -16.14 -12.99 -4.12
C PHE A 36 -15.90 -11.75 -4.98
N THR A 37 -15.38 -10.68 -4.39
CA THR A 37 -15.13 -9.45 -5.12
C THR A 37 -13.86 -8.81 -4.58
N ARG A 38 -13.17 -8.07 -5.45
CA ARG A 38 -12.02 -7.29 -5.03
C ARG A 38 -12.28 -5.79 -5.04
N GLN A 39 -13.47 -5.36 -5.45
CA GLN A 39 -13.80 -3.93 -5.43
C GLN A 39 -14.08 -3.47 -4.00
N CYS A 40 -13.69 -2.24 -3.71
CA CYS A 40 -13.95 -1.67 -2.39
C CYS A 40 -14.03 -0.15 -2.50
N ASN A 41 -14.75 0.46 -1.55
CA ASN A 41 -14.86 1.92 -1.48
C ASN A 41 -13.89 2.54 -0.48
N TYR A 42 -13.18 1.74 0.31
CA TYR A 42 -12.18 2.27 1.24
C TYR A 42 -10.81 2.13 0.62
N LYS A 43 -9.80 2.63 1.34
CA LYS A 43 -8.42 2.66 0.85
C LYS A 43 -7.44 2.31 1.95
N CYS A 44 -7.76 1.30 2.77
CA CYS A 44 -6.90 0.93 3.90
C CYS A 44 -5.47 0.66 3.43
N GLY A 45 -4.51 1.35 4.05
CA GLY A 45 -3.14 1.29 3.58
C GLY A 45 -2.53 -0.11 3.64
N PHE A 46 -3.04 -0.96 4.52
CA PHE A 46 -2.49 -2.30 4.73
C PHE A 46 -3.29 -3.40 4.04
N CYS A 47 -4.36 -3.05 3.33
CA CYS A 47 -5.27 -4.03 2.74
C CYS A 47 -4.53 -5.18 2.08
N PHE A 48 -4.79 -6.42 2.52
CA PHE A 48 -4.08 -7.57 1.99
C PHE A 48 -4.88 -8.34 0.94
N HIS A 49 -6.01 -7.79 0.49
CA HIS A 49 -6.80 -8.40 -0.59
C HIS A 49 -7.30 -7.29 -1.51
N THR A 50 -6.42 -6.85 -2.43
CA THR A 50 -6.51 -5.57 -3.09
C THR A 50 -7.33 -5.63 -4.38
N ALA A 51 -7.58 -4.45 -4.95
CA ALA A 51 -8.50 -4.27 -6.07
C ALA A 51 -7.82 -4.59 -7.40
N LYS A 52 -7.28 -5.81 -7.48
CA LYS A 52 -6.55 -6.25 -8.66
C LYS A 52 -7.47 -6.48 -9.85
N THR A 53 -8.70 -6.92 -9.63
CA THR A 53 -9.66 -7.13 -10.69
C THR A 53 -10.98 -6.50 -10.30
N SER A 54 -11.88 -6.43 -11.27
CA SER A 54 -13.28 -6.09 -11.02
C SER A 54 -14.21 -7.27 -11.30
N PHE A 55 -13.66 -8.45 -11.56
CA PHE A 55 -14.48 -9.60 -11.91
C PHE A 55 -15.28 -10.09 -10.72
N VAL A 56 -16.58 -10.31 -10.95
CA VAL A 56 -17.43 -11.04 -10.02
C VAL A 56 -18.22 -12.05 -10.84
N LEU A 57 -18.35 -13.27 -10.33
CA LEU A 57 -19.01 -14.32 -11.08
C LEU A 57 -20.48 -13.99 -11.30
N PRO A 58 -21.06 -14.38 -12.43
CA PRO A 58 -22.52 -14.39 -12.55
C PRO A 58 -23.11 -15.17 -11.39
N LEU A 59 -24.28 -14.72 -10.93
CA LEU A 59 -24.86 -15.26 -9.70
C LEU A 59 -25.05 -16.77 -9.78
N GLU A 60 -25.47 -17.28 -10.93
CA GLU A 60 -25.73 -18.71 -11.04
C GLU A 60 -24.45 -19.53 -11.08
N GLU A 61 -23.34 -18.93 -11.53
CA GLU A 61 -22.06 -19.63 -11.45
C GLU A 61 -21.57 -19.74 -10.02
N ALA A 62 -21.66 -18.65 -9.25
CA ALA A 62 -21.35 -18.75 -7.84
C ALA A 62 -22.25 -19.76 -7.13
N LYS A 63 -23.56 -19.75 -7.45
CA LYS A 63 -24.47 -20.73 -6.84
C LYS A 63 -24.04 -22.15 -7.15
N ARG A 64 -23.52 -22.39 -8.36
CA ARG A 64 -23.05 -23.72 -8.71
C ARG A 64 -21.83 -24.11 -7.89
N GLY A 65 -20.86 -23.20 -7.75
CA GLY A 65 -19.69 -23.49 -6.95
C GLY A 65 -20.01 -23.71 -5.48
N LEU A 66 -20.87 -22.85 -4.91
CA LEU A 66 -21.28 -23.01 -3.52
C LEU A 66 -21.92 -24.38 -3.29
N LEU A 67 -22.77 -24.84 -4.22
CA LEU A 67 -23.34 -26.18 -4.13
C LEU A 67 -22.25 -27.25 -4.14
N LEU A 68 -21.26 -27.11 -5.03
CA LEU A 68 -20.14 -28.05 -5.04
C LEU A 68 -19.45 -28.10 -3.69
N LEU A 69 -19.29 -26.94 -3.05
CA LEU A 69 -18.67 -26.89 -1.73
C LEU A 69 -19.56 -27.59 -0.70
N LYS A 70 -20.87 -27.35 -0.75
CA LYS A 70 -21.80 -28.04 0.12
C LYS A 70 -21.68 -29.55 -0.05
N GLN A 71 -21.67 -30.02 -1.30
CA GLN A 71 -21.57 -31.45 -1.56
C GLN A 71 -20.20 -32.01 -1.20
N ALA A 72 -19.17 -31.17 -1.15
CA ALA A 72 -17.88 -31.60 -0.64
C ALA A 72 -17.79 -31.50 0.89
N GLY A 73 -18.88 -31.12 1.55
CA GLY A 73 -18.96 -31.15 3.00
C GLY A 73 -18.84 -29.80 3.72
N LEU A 74 -19.05 -28.68 3.05
CA LEU A 74 -18.95 -27.37 3.71
C LEU A 74 -20.09 -27.19 4.71
N GLU A 75 -19.78 -26.52 5.83
CA GLU A 75 -20.78 -26.25 6.85
C GLU A 75 -20.83 -24.77 7.20
N LYS A 76 -19.73 -24.05 7.01
CA LYS A 76 -19.65 -22.64 7.38
C LYS A 76 -19.08 -21.85 6.21
N ILE A 77 -19.73 -20.76 5.83
CA ILE A 77 -19.26 -19.90 4.76
C ILE A 77 -19.13 -18.47 5.30
N ASN A 78 -18.06 -17.79 4.88
CA ASN A 78 -17.80 -16.41 5.27
C ASN A 78 -17.59 -15.61 3.99
N PHE A 79 -18.45 -14.63 3.75
CA PHE A 79 -18.37 -13.78 2.56
C PHE A 79 -17.51 -12.56 2.85
N SER A 80 -16.55 -12.29 1.98
CA SER A 80 -15.57 -11.24 2.22
C SER A 80 -15.16 -10.64 0.87
N GLY A 81 -14.09 -9.85 0.88
CA GLY A 81 -13.60 -9.24 -0.34
C GLY A 81 -12.27 -8.53 -0.17
N GLY A 82 -12.12 -7.30 -0.67
CA GLY A 82 -13.20 -6.54 -1.28
C GLY A 82 -14.24 -6.08 -0.27
N GLU A 83 -15.20 -5.27 -0.68
CA GLU A 83 -16.31 -4.92 0.20
C GLU A 83 -17.56 -5.66 -0.26
N PRO A 84 -18.03 -6.63 0.52
CA PRO A 84 -19.16 -7.48 0.05
C PRO A 84 -20.42 -6.72 -0.29
N PHE A 85 -20.70 -5.59 0.38
CA PHE A 85 -21.96 -4.88 0.15
C PHE A 85 -21.91 -3.92 -1.03
N LEU A 86 -20.78 -3.85 -1.73
CA LEU A 86 -20.66 -2.93 -2.85
C LEU A 86 -21.42 -3.40 -4.08
N GLN A 87 -21.33 -4.69 -4.42
CA GLN A 87 -21.91 -5.19 -5.67
C GLN A 87 -23.42 -5.10 -5.64
N ASP A 88 -23.99 -4.36 -6.59
CA ASP A 88 -25.44 -4.26 -6.75
C ASP A 88 -26.10 -3.82 -5.46
N ARG A 89 -25.46 -2.88 -4.75
N ARG A 89 -25.43 -2.90 -4.74
CA ARG A 89 -25.97 -2.30 -3.49
CA ARG A 89 -25.93 -2.32 -3.50
C ARG A 89 -26.24 -3.35 -2.43
C ARG A 89 -26.33 -3.39 -2.49
N GLY A 90 -25.56 -4.49 -2.48
CA GLY A 90 -25.77 -5.55 -1.52
C GLY A 90 -26.71 -6.66 -1.96
N GLU A 91 -27.46 -6.45 -3.04
CA GLU A 91 -28.44 -7.45 -3.45
C GLU A 91 -27.76 -8.75 -3.91
N TYR A 92 -26.62 -8.63 -4.60
CA TYR A 92 -25.86 -9.81 -4.99
C TYR A 92 -25.49 -10.65 -3.78
N LEU A 93 -24.90 -10.00 -2.77
CA LEU A 93 -24.53 -10.69 -1.54
C LEU A 93 -25.76 -11.30 -0.86
N GLY A 94 -26.84 -10.54 -0.79
CA GLY A 94 -28.04 -11.04 -0.13
C GLY A 94 -28.56 -12.29 -0.80
N LYS A 95 -28.45 -12.36 -2.12
CA LYS A 95 -28.94 -13.52 -2.85
C LYS A 95 -28.10 -14.75 -2.55
N LEU A 96 -26.77 -14.59 -2.48
CA LEU A 96 -25.91 -15.71 -2.12
C LEU A 96 -26.09 -16.13 -0.66
N VAL A 97 -26.22 -15.15 0.24
CA VAL A 97 -26.52 -15.45 1.64
C VAL A 97 -27.80 -16.27 1.74
N ARG A 98 -28.86 -15.84 1.05
CA ARG A 98 -30.13 -16.57 1.09
C ARG A 98 -29.99 -17.96 0.48
N PHE A 99 -29.26 -18.07 -0.63
CA PHE A 99 -29.06 -19.37 -1.25
C PHE A 99 -28.32 -20.34 -0.32
N CYS A 100 -27.32 -19.84 0.41
CA CYS A 100 -26.56 -20.70 1.31
C CYS A 100 -27.43 -21.21 2.46
N LYS A 101 -28.24 -20.33 3.04
CA LYS A 101 -29.05 -20.73 4.19
C LYS A 101 -30.26 -21.56 3.76
N GLU A 102 -31.02 -21.06 2.77
CA GLU A 102 -32.26 -21.74 2.38
C GLU A 102 -31.97 -22.99 1.56
N GLU A 103 -31.20 -22.85 0.48
CA GLU A 103 -31.06 -23.96 -0.47
C GLU A 103 -29.97 -24.94 -0.06
N LEU A 104 -28.87 -24.45 0.47
CA LEU A 104 -27.75 -25.32 0.85
C LEU A 104 -27.83 -25.80 2.29
N ALA A 105 -28.67 -25.18 3.13
CA ALA A 105 -28.79 -25.55 4.54
C ALA A 105 -27.43 -25.52 5.25
N LEU A 106 -26.65 -24.47 4.97
CA LEU A 106 -25.41 -24.24 5.73
C LEU A 106 -25.75 -23.69 7.10
N PRO A 107 -25.31 -24.33 8.19
CA PRO A 107 -25.72 -23.88 9.53
C PRO A 107 -25.05 -22.59 9.97
N SER A 108 -24.04 -22.11 9.25
CA SER A 108 -23.35 -20.88 9.64
C SER A 108 -23.01 -20.09 8.38
N VAL A 109 -23.63 -18.93 8.25
CA VAL A 109 -23.37 -17.99 7.15
C VAL A 109 -22.97 -16.65 7.77
N SER A 110 -21.78 -16.17 7.41
N SER A 110 -21.78 -16.17 7.41
CA SER A 110 -21.23 -14.94 7.97
CA SER A 110 -21.24 -14.93 7.97
C SER A 110 -20.81 -14.00 6.84
C SER A 110 -20.73 -14.01 6.87
N ILE A 111 -20.68 -12.72 7.19
CA ILE A 111 -20.14 -11.68 6.30
C ILE A 111 -19.12 -10.86 7.09
N VAL A 112 -18.06 -10.42 6.41
CA VAL A 112 -17.11 -9.44 6.96
C VAL A 112 -17.22 -8.18 6.10
N SER A 113 -17.48 -7.04 6.72
CA SER A 113 -17.77 -5.83 5.97
C SER A 113 -17.09 -4.63 6.65
N ASN A 114 -16.73 -3.61 5.84
CA ASN A 114 -16.36 -2.34 6.47
C ASN A 114 -17.58 -1.57 6.99
N GLY A 115 -18.79 -2.03 6.68
CA GLY A 115 -19.99 -1.49 7.30
C GLY A 115 -20.56 -0.25 6.65
N SER A 116 -19.79 0.47 5.84
CA SER A 116 -20.22 1.79 5.38
C SER A 116 -21.37 1.75 4.38
N LEU A 117 -21.58 0.64 3.68
CA LEU A 117 -22.61 0.60 2.63
C LEU A 117 -23.82 -0.23 3.03
N ILE A 118 -23.88 -0.70 4.28
CA ILE A 118 -25.00 -1.54 4.71
C ILE A 118 -26.24 -0.68 4.92
N ARG A 119 -27.33 -1.04 4.25
CA ARG A 119 -28.63 -0.39 4.42
C ARG A 119 -29.50 -1.23 5.35
N GLU A 120 -30.32 -0.56 6.17
CA GLU A 120 -31.25 -1.32 7.01
C GLU A 120 -32.17 -2.21 6.17
N ARG A 121 -32.56 -1.72 4.99
CA ARG A 121 -33.41 -2.51 4.09
C ARG A 121 -32.79 -3.87 3.75
N TRP A 122 -31.46 -3.96 3.67
CA TRP A 122 -30.80 -5.24 3.47
C TRP A 122 -31.15 -6.21 4.59
N PHE A 123 -31.12 -5.74 5.83
CA PHE A 123 -31.52 -6.59 6.96
C PHE A 123 -32.95 -7.07 6.83
N LYS A 124 -33.87 -6.18 6.41
CA LYS A 124 -35.26 -6.61 6.24
C LYS A 124 -35.36 -7.69 5.19
N ASP A 125 -34.62 -7.56 4.08
CA ASP A 125 -34.77 -8.46 2.94
C ASP A 125 -34.01 -9.76 3.15
N TYR A 126 -32.83 -9.69 3.77
CA TYR A 126 -31.92 -10.82 3.84
C TYR A 126 -31.46 -11.19 5.24
N GLY A 127 -31.75 -10.37 6.25
CA GLY A 127 -31.17 -10.59 7.56
C GLY A 127 -31.55 -11.92 8.19
N GLU A 128 -32.74 -12.43 7.87
CA GLU A 128 -33.14 -13.69 8.47
C GLU A 128 -32.25 -14.84 8.04
N TYR A 129 -31.56 -14.72 6.91
CA TYR A 129 -30.66 -15.77 6.45
C TYR A 129 -29.24 -15.64 6.98
N LEU A 130 -28.92 -14.55 7.68
CA LEU A 130 -27.55 -14.26 8.05
C LEU A 130 -27.32 -14.59 9.51
N ASP A 131 -26.31 -15.44 9.78
CA ASP A 131 -26.00 -15.75 11.18
C ASP A 131 -25.14 -14.67 11.83
N ILE A 132 -24.13 -14.17 11.12
CA ILE A 132 -23.08 -13.39 11.74
C ILE A 132 -22.70 -12.24 10.81
N LEU A 133 -22.59 -11.03 11.36
CA LEU A 133 -22.05 -9.88 10.65
C LEU A 133 -20.84 -9.38 11.44
N ALA A 134 -19.68 -9.43 10.81
CA ALA A 134 -18.44 -8.94 11.42
C ALA A 134 -18.07 -7.62 10.75
N ILE A 135 -17.90 -6.57 11.56
CA ILE A 135 -17.61 -5.25 11.06
C ILE A 135 -16.14 -4.94 11.38
N SER A 136 -15.38 -4.53 10.37
CA SER A 136 -13.98 -4.18 10.60
C SER A 136 -13.91 -2.81 11.27
N CYS A 137 -13.25 -2.77 12.43
CA CYS A 137 -12.99 -1.51 13.11
C CYS A 137 -11.61 -1.62 13.77
N ASP A 138 -10.66 -0.82 13.29
CA ASP A 138 -9.28 -0.95 13.73
C ASP A 138 -8.91 0.02 14.85
N SER A 139 -9.75 1.02 15.11
CA SER A 139 -9.43 2.01 16.12
C SER A 139 -10.72 2.74 16.49
N PHE A 140 -10.78 3.21 17.73
CA PHE A 140 -11.86 4.08 18.17
C PHE A 140 -11.42 5.52 18.23
N ASP A 141 -10.24 5.79 17.68
CA ASP A 141 -9.69 7.12 17.54
C ASP A 141 -9.88 7.49 16.07
N GLU A 142 -10.85 8.37 15.80
CA GLU A 142 -11.26 8.62 14.42
C GLU A 142 -10.18 9.32 13.60
N GLN A 143 -9.16 9.86 14.25
CA GLN A 143 -7.97 10.29 13.53
C GLN A 143 -7.20 9.10 12.99
N VAL A 144 -6.95 8.09 13.85
CA VAL A 144 -6.22 6.90 13.42
C VAL A 144 -6.93 6.23 12.25
N ASN A 145 -8.26 6.16 12.30
CA ASN A 145 -9.04 5.49 11.27
C ASN A 145 -8.93 6.19 9.92
N ALA A 146 -9.01 7.53 9.93
CA ALA A 146 -8.84 8.27 8.69
C ALA A 146 -7.43 8.09 8.15
N LEU A 147 -6.43 8.18 9.03
CA LEU A 147 -5.03 8.02 8.67
C LEU A 147 -4.77 6.67 7.99
N ILE A 148 -5.20 5.57 8.62
CA ILE A 148 -4.95 4.25 8.03
C ILE A 148 -5.82 4.00 6.81
N GLY A 149 -6.65 4.95 6.41
CA GLY A 149 -7.44 4.81 5.20
C GLY A 149 -8.82 4.21 5.39
N ARG A 150 -9.26 4.02 6.63
CA ARG A 150 -10.50 3.31 6.93
C ARG A 150 -11.63 4.34 6.96
N GLY A 151 -12.07 4.72 5.78
CA GLY A 151 -13.13 5.70 5.66
C GLY A 151 -13.24 6.21 4.24
N GLN A 152 -14.28 7.01 4.03
CA GLN A 152 -14.54 7.64 2.74
C GLN A 152 -14.58 9.16 2.83
N GLY A 153 -14.33 9.73 4.02
CA GLY A 153 -14.33 11.16 4.19
C GLY A 153 -15.15 11.66 5.36
N LYS A 154 -16.21 10.91 5.72
CA LYS A 154 -17.14 11.38 6.74
C LYS A 154 -16.56 11.31 8.15
N LYS A 155 -15.57 10.45 8.39
CA LYS A 155 -14.91 10.34 9.68
C LYS A 155 -15.92 10.10 10.80
N ASN A 156 -16.92 9.28 10.52
CA ASN A 156 -17.86 8.81 11.52
C ASN A 156 -17.90 7.28 11.51
N HIS A 157 -16.79 6.66 11.10
CA HIS A 157 -16.74 5.21 10.95
C HIS A 157 -17.02 4.49 12.25
N VAL A 158 -16.67 5.10 13.38
CA VAL A 158 -16.93 4.47 14.67
C VAL A 158 -18.36 4.73 15.16
N GLU A 159 -18.94 5.89 14.85
CA GLU A 159 -20.35 6.10 15.17
C GLU A 159 -21.27 5.19 14.35
N ASN A 160 -20.86 4.88 13.11
CA ASN A 160 -21.56 3.90 12.29
C ASN A 160 -21.61 2.55 12.97
N LEU A 161 -20.62 2.24 13.80
CA LEU A 161 -20.48 0.92 14.40
C LEU A 161 -21.62 0.63 15.38
N GLN A 162 -22.03 1.64 16.17
CA GLN A 162 -23.11 1.44 17.14
C GLN A 162 -24.46 1.31 16.46
N LYS A 163 -24.65 1.99 15.33
CA LYS A 163 -25.85 1.80 14.53
C LYS A 163 -25.93 0.35 14.02
N LEU A 164 -24.82 -0.16 13.48
CA LEU A 164 -24.82 -1.54 12.96
C LEU A 164 -25.00 -2.54 14.09
N ARG A 165 -24.40 -2.28 15.25
CA ARG A 165 -24.66 -3.11 16.44
C ARG A 165 -26.14 -3.16 16.77
N ARG A 166 -26.80 -2.00 16.73
CA ARG A 166 -28.23 -1.94 17.02
C ARG A 166 -29.05 -2.70 15.98
N TRP A 167 -28.68 -2.59 14.69
CA TRP A 167 -29.39 -3.33 13.66
C TRP A 167 -29.22 -4.84 13.84
N CYS A 168 -28.01 -5.30 14.17
CA CYS A 168 -27.83 -6.74 14.43
C CYS A 168 -28.70 -7.19 15.59
N ARG A 169 -28.78 -6.39 16.65
CA ARG A 169 -29.65 -6.71 17.77
C ARG A 169 -31.11 -6.79 17.32
N ASP A 170 -31.57 -5.78 16.58
CA ASP A 170 -32.97 -5.72 16.18
C ASP A 170 -33.32 -6.81 15.17
N TYR A 171 -32.40 -7.16 14.27
CA TYR A 171 -32.68 -8.15 13.24
C TYR A 171 -32.15 -9.54 13.60
N LYS A 172 -31.65 -9.72 14.83
CA LYS A 172 -31.27 -11.02 15.38
C LYS A 172 -30.12 -11.67 14.60
N VAL A 173 -29.08 -10.87 14.37
CA VAL A 173 -27.85 -11.31 13.73
C VAL A 173 -26.73 -11.15 14.75
N ALA A 174 -25.88 -12.16 14.86
CA ALA A 174 -24.75 -12.06 15.77
C ALA A 174 -23.75 -11.02 15.25
N PHE A 175 -23.27 -10.17 16.15
CA PHE A 175 -22.39 -9.05 15.79
C PHE A 175 -20.98 -9.35 16.27
N LYS A 176 -20.01 -9.31 15.36
CA LYS A 176 -18.61 -9.47 15.70
C LYS A 176 -17.85 -8.23 15.23
N ILE A 177 -16.67 -8.01 15.83
CA ILE A 177 -15.78 -6.93 15.41
C ILE A 177 -14.45 -7.55 14.98
N ASN A 178 -13.96 -7.15 13.80
CA ASN A 178 -12.65 -7.52 13.29
C ASN A 178 -11.73 -6.30 13.41
N SER A 179 -10.52 -6.49 13.94
CA SER A 179 -9.53 -5.44 14.05
C SER A 179 -8.18 -5.95 13.56
N VAL A 180 -7.54 -5.14 12.70
CA VAL A 180 -6.18 -5.40 12.24
C VAL A 180 -5.24 -4.61 13.13
N ILE A 181 -4.36 -5.30 13.84
CA ILE A 181 -3.43 -4.63 14.73
C ILE A 181 -2.19 -4.28 13.93
N ASN A 182 -1.83 -2.99 13.96
CA ASN A 182 -0.82 -2.43 13.07
C ASN A 182 -0.06 -1.35 13.81
N ARG A 183 0.85 -0.69 13.07
CA ARG A 183 1.70 0.35 13.67
C ARG A 183 0.89 1.46 14.31
N PHE A 184 -0.28 1.78 13.77
CA PHE A 184 -0.99 2.97 14.25
C PHE A 184 -1.96 2.71 15.39
N ASN A 185 -2.24 1.45 15.74
CA ASN A 185 -3.12 1.17 16.88
C ASN A 185 -2.48 0.22 17.88
N VAL A 186 -1.18 -0.06 17.74
CA VAL A 186 -0.57 -1.10 18.56
C VAL A 186 -0.55 -0.74 20.04
N ASP A 187 -0.61 0.54 20.38
CA ASP A 187 -0.63 0.93 21.78
C ASP A 187 -2.00 1.44 22.22
N GLU A 188 -3.04 1.24 21.43
CA GLU A 188 -4.36 1.72 21.80
C GLU A 188 -4.98 0.82 22.86
N ASP A 189 -5.71 1.43 23.78
CA ASP A 189 -6.49 0.70 24.78
C ASP A 189 -7.95 0.69 24.34
N MET A 190 -8.42 -0.45 23.85
CA MET A 190 -9.77 -0.57 23.34
C MET A 190 -10.73 -1.28 24.28
N ASN A 191 -10.30 -1.56 25.52
CA ASN A 191 -11.08 -2.40 26.42
C ASN A 191 -12.50 -1.89 26.60
N GLU A 192 -12.65 -0.64 27.07
CA GLU A 192 -13.98 -0.12 27.39
C GLU A 192 -14.83 0.01 26.12
N HIS A 193 -14.22 0.46 25.03
CA HIS A 193 -14.96 0.59 23.76
C HIS A 193 -15.51 -0.74 23.27
N ILE A 194 -14.67 -1.79 23.29
CA ILE A 194 -15.14 -3.10 22.84
C ILE A 194 -16.21 -3.63 23.80
N LYS A 195 -16.02 -3.45 25.10
CA LYS A 195 -17.02 -3.90 26.06
C LYS A 195 -18.35 -3.18 25.86
N ALA A 196 -18.31 -1.88 25.54
CA ALA A 196 -19.57 -1.15 25.36
C ALA A 196 -20.35 -1.67 24.15
N LEU A 197 -19.66 -2.22 23.16
CA LEU A 197 -20.33 -2.77 22.00
C LEU A 197 -20.81 -4.20 22.19
N SER A 198 -20.30 -4.89 23.22
CA SER A 198 -20.69 -6.26 23.57
C SER A 198 -20.79 -7.16 22.34
N PRO A 199 -19.71 -7.31 21.57
CA PRO A 199 -19.76 -8.22 20.41
C PRO A 199 -19.75 -9.67 20.86
N VAL A 200 -20.21 -10.54 19.97
CA VAL A 200 -20.11 -11.97 20.23
C VAL A 200 -18.65 -12.39 20.23
N ARG A 201 -17.82 -11.76 19.38
CA ARG A 201 -16.41 -12.08 19.29
C ARG A 201 -15.68 -10.83 18.84
N TRP A 202 -14.43 -10.71 19.27
CA TRP A 202 -13.54 -9.64 18.80
C TRP A 202 -12.34 -10.36 18.21
N LYS A 203 -12.27 -10.42 16.88
CA LYS A 203 -11.22 -11.14 16.19
C LYS A 203 -10.11 -10.15 15.85
N VAL A 204 -8.91 -10.45 16.32
CA VAL A 204 -7.83 -9.48 16.38
C VAL A 204 -6.69 -10.04 15.55
N PHE A 205 -6.47 -9.45 14.38
CA PHE A 205 -5.53 -9.95 13.39
C PHE A 205 -4.24 -9.15 13.47
N GLN A 206 -3.11 -9.84 13.57
CA GLN A 206 -1.83 -9.17 13.35
C GLN A 206 -1.72 -8.77 11.88
N CYS A 207 -1.35 -7.52 11.62
CA CYS A 207 -1.18 -7.08 10.23
C CYS A 207 -0.31 -8.06 9.45
N LEU A 208 -0.84 -8.54 8.32
CA LEU A 208 -0.21 -9.59 7.53
C LEU A 208 0.29 -9.04 6.19
N LEU A 209 1.54 -9.35 5.86
CA LEU A 209 2.09 -9.01 4.56
C LEU A 209 1.91 -10.20 3.61
N ILE A 210 1.36 -9.94 2.43
CA ILE A 210 1.23 -10.94 1.38
C ILE A 210 1.83 -10.37 0.09
N GLU A 211 2.91 -11.00 -0.39
CA GLU A 211 3.58 -10.52 -1.60
C GLU A 211 2.64 -10.56 -2.81
N GLY A 212 2.67 -9.49 -3.60
CA GLY A 212 1.75 -9.32 -4.70
C GLY A 212 0.44 -8.65 -4.31
N GLU A 213 0.11 -8.63 -3.03
CA GLU A 213 -1.11 -7.96 -2.58
C GLU A 213 -0.76 -6.61 -1.97
N ASN A 214 -0.17 -6.61 -0.77
CA ASN A 214 0.23 -5.37 -0.10
C ASN A 214 1.75 -5.30 0.04
N SER A 215 2.48 -5.90 -0.88
CA SER A 215 3.93 -5.89 -0.85
C SER A 215 4.42 -6.07 -2.27
N GLY A 216 5.32 -5.19 -2.69
CA GLY A 216 5.80 -5.22 -4.06
C GLY A 216 5.73 -3.84 -4.67
N GLU A 217 6.68 -3.55 -5.55
CA GLU A 217 6.73 -2.24 -6.18
C GLU A 217 5.51 -2.02 -7.08
N ASP A 218 4.95 -3.08 -7.64
CA ASP A 218 3.75 -3.00 -8.45
C ASP A 218 2.46 -3.26 -7.68
N ALA A 219 2.55 -3.67 -6.42
CA ALA A 219 1.35 -3.94 -5.64
C ALA A 219 0.54 -2.67 -5.43
N LEU A 220 -0.76 -2.84 -5.21
CA LEU A 220 -1.66 -1.72 -5.02
C LEU A 220 -1.52 -1.08 -3.65
N ARG A 221 -0.99 -1.82 -2.68
CA ARG A 221 -0.71 -1.29 -1.35
C ARG A 221 0.70 -1.70 -0.98
N GLU A 222 1.32 -0.92 -0.10
CA GLU A 222 2.62 -1.29 0.46
C GLU A 222 2.49 -1.20 1.96
N ALA A 223 2.36 -2.36 2.60
CA ALA A 223 1.99 -2.44 4.01
C ALA A 223 3.18 -2.55 4.95
N GLU A 224 4.42 -2.57 4.43
CA GLU A 224 5.55 -2.78 5.32
C GLU A 224 5.56 -1.80 6.50
N ARG A 225 5.26 -0.53 6.25
CA ARG A 225 5.30 0.43 7.35
C ARG A 225 4.23 0.16 8.40
N PHE A 226 3.22 -0.66 8.10
CA PHE A 226 2.16 -0.96 9.07
C PHE A 226 2.50 -2.15 9.97
N LEU A 227 3.55 -2.90 9.66
CA LEU A 227 3.74 -4.18 10.33
C LEU A 227 4.20 -4.00 11.77
N ILE A 228 3.83 -4.97 12.61
CA ILE A 228 4.28 -5.03 14.00
C ILE A 228 4.93 -6.39 14.22
N SER A 229 5.81 -6.45 15.23
CA SER A 229 6.45 -7.71 15.59
C SER A 229 5.47 -8.60 16.37
N ASN A 230 5.84 -9.89 16.45
CA ASN A 230 5.03 -10.81 17.26
C ASN A 230 4.99 -10.36 18.71
N GLU A 231 6.09 -9.80 19.21
CA GLU A 231 6.14 -9.31 20.59
C GLU A 231 5.17 -8.15 20.80
N GLU A 232 5.16 -7.19 19.87
CA GLU A 232 4.20 -6.09 19.93
C GLU A 232 2.77 -6.61 19.84
N PHE A 233 2.54 -7.59 18.98
CA PHE A 233 1.20 -8.18 18.90
C PHE A 233 0.80 -8.81 20.22
N GLU A 234 1.68 -9.64 20.79
CA GLU A 234 1.39 -10.28 22.07
C GLU A 234 1.15 -9.25 23.17
N THR A 235 1.90 -8.14 23.15
CA THR A 235 1.66 -7.08 24.12
C THR A 235 0.25 -6.50 24.01
N PHE A 236 -0.25 -6.34 22.77
CA PHE A 236 -1.62 -5.85 22.58
C PHE A 236 -2.64 -6.82 23.14
N LEU A 237 -2.46 -8.12 22.88
CA LEU A 237 -3.34 -9.13 23.43
C LEU A 237 -3.34 -9.11 24.95
N GLU A 238 -2.15 -9.04 25.55
CA GLU A 238 -2.06 -9.00 27.00
C GLU A 238 -2.78 -7.77 27.57
N ARG A 239 -2.69 -6.63 26.89
CA ARG A 239 -3.39 -5.43 27.35
C ARG A 239 -4.90 -5.59 27.35
N HIS A 240 -5.44 -6.50 26.54
CA HIS A 240 -6.88 -6.68 26.42
C HIS A 240 -7.33 -8.03 26.95
N LYS A 241 -6.56 -8.63 27.86
CA LYS A 241 -6.86 -9.97 28.33
C LYS A 241 -8.15 -10.04 29.13
N GLU A 242 -8.64 -8.89 29.62
CA GLU A 242 -9.92 -8.87 30.31
C GLU A 242 -11.10 -9.01 29.36
N VAL A 243 -10.90 -8.80 28.06
CA VAL A 243 -11.99 -8.93 27.09
C VAL A 243 -12.18 -10.42 26.79
N SER A 244 -13.22 -11.01 27.36
CA SER A 244 -13.37 -12.45 27.31
C SER A 244 -13.61 -12.96 25.89
N CYS A 245 -14.24 -12.16 25.03
CA CYS A 245 -14.57 -12.63 23.68
C CYS A 245 -13.45 -12.42 22.68
N LEU A 246 -12.25 -12.07 23.13
CA LEU A 246 -11.15 -11.78 22.22
C LEU A 246 -10.60 -13.07 21.63
N VAL A 247 -10.39 -13.09 20.31
CA VAL A 247 -9.83 -14.25 19.62
C VAL A 247 -8.65 -13.76 18.81
N PRO A 248 -7.42 -14.18 19.10
CA PRO A 248 -6.26 -13.67 18.36
C PRO A 248 -6.02 -14.44 17.07
N GLU A 249 -5.55 -13.71 16.05
CA GLU A 249 -5.19 -14.31 14.75
C GLU A 249 -3.80 -13.78 14.38
N SER A 250 -2.76 -14.46 14.85
CA SER A 250 -1.39 -14.09 14.51
C SER A 250 -1.10 -14.40 13.05
N ASN A 251 0.01 -13.82 12.57
CA ASN A 251 0.52 -14.12 11.24
C ASN A 251 0.60 -15.62 11.00
N GLN A 252 1.17 -16.35 11.97
CA GLN A 252 1.32 -17.78 11.78
C GLN A 252 -0.03 -18.48 11.70
N LYS A 253 -1.00 -18.05 12.51
CA LYS A 253 -2.32 -18.67 12.48
C LYS A 253 -3.00 -18.44 11.13
N MET A 254 -2.89 -17.23 10.60
CA MET A 254 -3.50 -16.94 9.30
C MET A 254 -2.83 -17.74 8.18
N LYS A 255 -1.50 -17.88 8.23
CA LYS A 255 -0.82 -18.61 7.17
C LYS A 255 -1.16 -20.09 7.21
N ASP A 256 -1.47 -20.64 8.39
CA ASP A 256 -1.73 -22.06 8.53
C ASP A 256 -3.20 -22.43 8.40
N SER A 257 -4.13 -21.50 8.62
CA SER A 257 -5.53 -21.87 8.69
C SER A 257 -6.50 -20.96 7.95
N TYR A 258 -6.06 -19.85 7.36
CA TYR A 258 -6.96 -18.95 6.65
C TYR A 258 -6.91 -19.31 5.17
N LEU A 259 -7.97 -19.94 4.67
CA LEU A 259 -8.06 -20.36 3.28
C LEU A 259 -8.93 -19.38 2.51
N ILE A 260 -8.48 -18.98 1.32
CA ILE A 260 -9.18 -18.00 0.50
C ILE A 260 -9.71 -18.70 -0.75
N LEU A 261 -10.99 -18.49 -1.02
CA LEU A 261 -11.61 -18.76 -2.30
C LEU A 261 -11.80 -17.42 -3.00
N ASP A 262 -11.12 -17.21 -4.13
CA ASP A 262 -11.06 -15.89 -4.73
C ASP A 262 -12.26 -15.66 -5.65
N GLU A 263 -12.23 -14.57 -6.42
CA GLU A 263 -13.39 -14.15 -7.19
C GLU A 263 -13.65 -15.05 -8.40
N TYR A 264 -12.71 -15.92 -8.74
CA TYR A 264 -12.91 -16.95 -9.75
C TYR A 264 -13.16 -18.31 -9.12
N MET A 265 -13.37 -18.35 -7.80
CA MET A 265 -13.53 -19.59 -7.05
C MET A 265 -12.31 -20.51 -7.21
N ARG A 266 -11.14 -19.90 -7.24
CA ARG A 266 -9.88 -20.60 -7.08
C ARG A 266 -9.44 -20.49 -5.62
N PHE A 267 -8.78 -21.52 -5.14
CA PHE A 267 -8.26 -21.53 -3.78
C PHE A 267 -6.92 -20.83 -3.70
N LEU A 268 -6.76 -20.02 -2.64
CA LEU A 268 -5.54 -19.30 -2.33
C LEU A 268 -5.23 -19.44 -0.84
N ASN A 269 -3.95 -19.40 -0.51
CA ASN A 269 -3.52 -19.32 0.88
C ASN A 269 -2.86 -17.96 1.12
N CYS A 270 -2.42 -17.75 2.36
CA CYS A 270 -1.86 -16.47 2.80
C CYS A 270 -0.34 -16.48 2.89
N THR A 271 0.34 -17.33 2.12
CA THR A 271 1.79 -17.45 2.23
C THR A 271 2.51 -16.96 0.98
N ASP A 276 0.90 -18.66 -7.79
CA ASP A 276 -0.05 -19.10 -8.81
C ASP A 276 -1.24 -19.81 -8.17
N PRO A 277 -2.43 -19.24 -8.34
CA PRO A 277 -3.64 -19.81 -7.74
C PRO A 277 -4.02 -21.15 -8.35
N SER A 278 -4.88 -21.87 -7.63
CA SER A 278 -5.34 -23.17 -8.10
C SER A 278 -6.27 -23.00 -9.29
N LYS A 279 -6.62 -24.13 -9.91
CA LYS A 279 -7.74 -24.13 -10.86
C LYS A 279 -9.04 -23.80 -10.12
N SER A 280 -9.97 -23.21 -10.84
CA SER A 280 -11.27 -22.92 -10.26
C SER A 280 -12.02 -24.21 -9.95
N ILE A 281 -12.73 -24.22 -8.82
CA ILE A 281 -13.58 -25.38 -8.51
C ILE A 281 -14.66 -25.54 -9.56
N LEU A 282 -15.02 -24.44 -10.24
CA LEU A 282 -16.03 -24.51 -11.28
C LEU A 282 -15.56 -25.29 -12.50
N ASP A 283 -14.27 -25.55 -12.62
CA ASP A 283 -13.70 -26.26 -13.75
C ASP A 283 -13.17 -27.64 -13.41
N VAL A 284 -12.49 -27.80 -12.27
CA VAL A 284 -11.90 -29.07 -11.88
C VAL A 284 -12.56 -29.69 -10.65
N GLY A 285 -13.41 -28.95 -9.94
CA GLY A 285 -14.04 -29.46 -8.74
C GLY A 285 -13.25 -29.12 -7.48
N VAL A 286 -13.90 -29.39 -6.34
CA VAL A 286 -13.33 -29.00 -5.06
C VAL A 286 -12.09 -29.84 -4.74
N GLU A 287 -12.19 -31.15 -4.93
CA GLU A 287 -11.08 -32.06 -4.61
C GLU A 287 -9.81 -31.66 -5.37
N GLU A 288 -9.92 -31.52 -6.69
CA GLU A 288 -8.74 -31.17 -7.50
C GLU A 288 -8.22 -29.77 -7.18
N ALA A 289 -9.12 -28.83 -6.87
CA ALA A 289 -8.69 -27.46 -6.64
C ALA A 289 -8.00 -27.31 -5.29
N ILE A 290 -8.43 -28.08 -4.29
CA ILE A 290 -7.85 -27.97 -2.95
C ILE A 290 -6.44 -28.53 -2.92
N LYS A 291 -6.12 -29.47 -3.82
CA LYS A 291 -4.79 -30.09 -3.82
C LYS A 291 -3.70 -29.06 -4.08
N PHE A 292 -3.95 -28.11 -4.99
CA PHE A 292 -2.94 -27.14 -5.37
C PHE A 292 -2.49 -26.30 -4.17
N SER A 293 -3.44 -25.62 -3.53
CA SER A 293 -3.17 -24.76 -2.39
C SER A 293 -2.45 -25.50 -1.26
N VAL B 30 -3.25 7.12 -10.75
CA VAL B 30 -2.85 5.90 -10.06
C VAL B 30 -1.61 6.13 -9.20
N SER B 31 -0.44 6.26 -9.84
CA SER B 31 0.84 6.51 -9.19
C SER B 31 1.58 7.62 -9.91
N VAL B 32 2.14 8.56 -9.16
CA VAL B 32 2.64 9.81 -9.71
C VAL B 32 3.93 10.22 -9.00
N ASN B 33 4.91 10.71 -9.77
CA ASN B 33 6.14 11.25 -9.24
C ASN B 33 6.09 12.78 -9.30
N TYR B 34 5.82 13.42 -8.17
CA TYR B 34 5.69 14.87 -8.10
C TYR B 34 7.06 15.47 -7.85
N HIS B 35 7.74 15.86 -8.92
CA HIS B 35 9.02 16.57 -8.83
C HIS B 35 8.70 18.04 -8.56
N PHE B 36 8.37 18.34 -7.30
CA PHE B 36 7.78 19.64 -6.99
C PHE B 36 8.79 20.78 -7.01
N THR B 37 10.10 20.47 -7.00
CA THR B 37 11.15 21.47 -7.04
C THR B 37 12.28 20.96 -7.93
N ARG B 38 13.02 21.89 -8.53
CA ARG B 38 14.20 21.54 -9.30
C ARG B 38 15.49 21.99 -8.61
N GLN B 39 15.41 22.64 -7.46
CA GLN B 39 16.61 23.02 -6.74
C GLN B 39 17.21 21.82 -6.01
N CYS B 40 18.54 21.79 -5.94
CA CYS B 40 19.24 20.70 -5.28
C CYS B 40 20.57 21.20 -4.76
N ASN B 41 21.06 20.56 -3.69
CA ASN B 41 22.37 20.90 -3.13
C ASN B 41 23.50 20.05 -3.69
N TYR B 42 23.21 18.92 -4.33
N TYR B 42 23.18 18.93 -4.35
CA TYR B 42 24.26 18.09 -4.89
CA TYR B 42 24.16 18.01 -4.94
C TYR B 42 24.37 18.29 -6.40
C TYR B 42 24.49 18.42 -6.37
N LYS B 43 25.38 17.65 -7.00
CA LYS B 43 25.83 17.94 -8.37
C LYS B 43 26.02 16.67 -9.20
N CYS B 44 25.13 15.68 -9.06
CA CYS B 44 25.32 14.41 -9.76
C CYS B 44 25.46 14.62 -11.27
N GLY B 45 26.56 14.08 -11.83
CA GLY B 45 26.91 14.35 -13.22
C GLY B 45 25.89 13.84 -14.21
N PHE B 46 25.08 12.84 -13.84
CA PHE B 46 24.09 12.24 -14.72
C PHE B 46 22.67 12.76 -14.50
N CYS B 47 22.47 13.69 -13.57
CA CYS B 47 21.12 14.04 -13.08
C CYS B 47 20.15 14.28 -14.24
N PHE B 48 19.03 13.56 -14.23
CA PHE B 48 18.06 13.66 -15.33
C PHE B 48 16.90 14.60 -15.05
N HIS B 49 16.93 15.33 -13.93
CA HIS B 49 15.88 16.30 -13.62
C HIS B 49 16.54 17.54 -13.01
N THR B 50 17.09 18.39 -13.88
CA THR B 50 18.08 19.37 -13.50
C THR B 50 17.44 20.69 -13.04
N ALA B 51 18.29 21.59 -12.55
CA ALA B 51 17.88 22.84 -11.90
C ALA B 51 17.53 23.92 -12.94
N LYS B 52 16.52 23.62 -13.76
CA LYS B 52 16.13 24.55 -14.81
C LYS B 52 15.43 25.79 -14.25
N THR B 53 14.72 25.65 -13.13
CA THR B 53 14.02 26.76 -12.50
C THR B 53 14.25 26.69 -11.00
N SER B 54 13.87 27.77 -10.31
CA SER B 54 13.80 27.75 -8.85
C SER B 54 12.36 27.84 -8.36
N PHE B 55 11.38 27.72 -9.26
CA PHE B 55 9.99 27.91 -8.90
C PHE B 55 9.47 26.74 -8.08
N VAL B 56 8.73 27.05 -7.03
CA VAL B 56 7.99 26.09 -6.23
C VAL B 56 6.62 26.70 -5.95
N LEU B 57 5.57 25.91 -6.17
CA LEU B 57 4.21 26.41 -5.98
C LEU B 57 3.98 26.87 -4.55
N PRO B 58 3.11 27.86 -4.35
CA PRO B 58 2.63 28.14 -2.98
C PRO B 58 1.98 26.89 -2.40
N LEU B 59 2.16 26.70 -1.10
CA LEU B 59 1.69 25.49 -0.44
C LEU B 59 0.23 25.20 -0.76
N GLU B 60 -0.62 26.23 -0.73
CA GLU B 60 -2.05 25.99 -0.91
C GLU B 60 -2.40 25.62 -2.35
N GLU B 61 -1.58 26.06 -3.32
CA GLU B 61 -1.79 25.64 -4.70
C GLU B 61 -1.37 24.18 -4.90
N ALA B 62 -0.26 23.78 -4.28
CA ALA B 62 0.10 22.37 -4.32
C ALA B 62 -0.99 21.50 -3.69
N LYS B 63 -1.52 21.94 -2.54
CA LYS B 63 -2.59 21.20 -1.88
C LYS B 63 -3.82 21.11 -2.78
N ARG B 64 -4.18 22.20 -3.44
CA ARG B 64 -5.29 22.16 -4.37
C ARG B 64 -5.06 21.11 -5.46
N GLY B 65 -3.83 21.05 -5.98
CA GLY B 65 -3.53 20.10 -7.03
C GLY B 65 -3.49 18.67 -6.55
N LEU B 66 -2.93 18.43 -5.36
CA LEU B 66 -2.97 17.09 -4.80
C LEU B 66 -4.41 16.63 -4.58
N LEU B 67 -5.28 17.54 -4.17
CA LEU B 67 -6.69 17.19 -4.01
C LEU B 67 -7.31 16.76 -5.34
N LEU B 68 -7.03 17.51 -6.41
CA LEU B 68 -7.55 17.14 -7.73
C LEU B 68 -7.08 15.74 -8.15
N LEU B 69 -5.83 15.41 -7.85
CA LEU B 69 -5.31 14.07 -8.17
C LEU B 69 -6.05 12.99 -7.37
N LYS B 70 -6.24 13.21 -6.07
CA LYS B 70 -7.04 12.28 -5.26
C LYS B 70 -8.41 12.09 -5.87
N GLN B 71 -9.12 13.19 -6.11
CA GLN B 71 -10.44 13.12 -6.74
C GLN B 71 -10.37 12.44 -8.10
N ALA B 72 -9.23 12.56 -8.79
CA ALA B 72 -9.04 11.86 -10.06
C ALA B 72 -8.69 10.39 -9.89
N GLY B 73 -8.48 9.92 -8.66
CA GLY B 73 -8.19 8.53 -8.40
C GLY B 73 -6.75 8.20 -7.98
N LEU B 74 -5.93 9.18 -7.66
CA LEU B 74 -4.56 8.89 -7.26
C LEU B 74 -4.53 8.13 -5.94
N GLU B 75 -3.68 7.11 -5.87
CA GLU B 75 -3.50 6.33 -4.65
C GLU B 75 -2.09 6.36 -4.10
N LYS B 76 -1.07 6.48 -4.95
CA LYS B 76 0.33 6.49 -4.54
C LYS B 76 0.96 7.78 -5.05
N ILE B 77 1.53 8.56 -4.14
CA ILE B 77 2.24 9.79 -4.50
C ILE B 77 3.69 9.64 -4.04
N ASN B 78 4.60 10.11 -4.88
CA ASN B 78 6.03 10.05 -4.62
C ASN B 78 6.58 11.47 -4.80
N PHE B 79 7.12 12.04 -3.72
CA PHE B 79 7.70 13.38 -3.78
C PHE B 79 9.15 13.28 -4.20
N SER B 80 9.55 14.12 -5.16
CA SER B 80 10.87 14.04 -5.72
C SER B 80 11.30 15.45 -6.14
N GLY B 81 12.37 15.53 -6.94
CA GLY B 81 12.89 16.80 -7.42
C GLY B 81 14.03 16.65 -8.41
N GLY B 82 15.11 17.44 -8.28
CA GLY B 82 15.32 18.37 -7.18
C GLY B 82 15.60 17.64 -5.88
N GLU B 83 15.96 18.37 -4.83
CA GLU B 83 16.05 17.72 -3.54
C GLU B 83 14.85 18.13 -2.69
N PRO B 84 13.91 17.20 -2.41
CA PRO B 84 12.70 17.57 -1.65
C PRO B 84 12.95 18.20 -0.29
N PHE B 85 14.00 17.82 0.42
CA PHE B 85 14.24 18.39 1.75
C PHE B 85 14.94 19.75 1.71
N LEU B 86 15.20 20.30 0.53
CA LEU B 86 15.89 21.58 0.46
C LEU B 86 14.95 22.75 0.74
N GLN B 87 13.70 22.68 0.27
CA GLN B 87 12.76 23.79 0.40
C GLN B 87 12.30 23.98 1.84
N ASP B 88 12.46 25.20 2.36
CA ASP B 88 11.97 25.54 3.70
C ASP B 88 12.51 24.59 4.76
N ARG B 89 13.75 24.14 4.54
N ARG B 89 13.75 24.14 4.57
CA ARG B 89 14.44 23.23 5.44
CA ARG B 89 14.44 23.24 5.50
C ARG B 89 13.60 21.98 5.69
C ARG B 89 13.73 21.88 5.62
N GLY B 90 12.88 21.54 4.65
CA GLY B 90 12.10 20.32 4.70
C GLY B 90 10.68 20.53 5.24
N GLU B 91 10.37 21.73 5.72
CA GLU B 91 9.04 21.99 6.28
C GLU B 91 7.96 22.00 5.22
N TYR B 92 8.26 22.59 4.06
CA TYR B 92 7.31 22.57 2.95
C TYR B 92 6.89 21.15 2.63
N LEU B 93 7.88 20.27 2.49
CA LEU B 93 7.61 18.86 2.16
C LEU B 93 6.83 18.17 3.28
N GLY B 94 7.21 18.39 4.53
CA GLY B 94 6.48 17.81 5.64
C GLY B 94 5.01 18.16 5.61
N LYS B 95 4.70 19.41 5.28
CA LYS B 95 3.30 19.82 5.27
C LYS B 95 2.54 19.16 4.13
N LEU B 96 3.16 18.98 2.97
CA LEU B 96 2.49 18.28 1.88
C LEU B 96 2.32 16.80 2.21
N VAL B 97 3.31 16.19 2.85
CA VAL B 97 3.22 14.78 3.24
C VAL B 97 2.08 14.59 4.24
N ARG B 98 2.01 15.46 5.24
CA ARG B 98 0.91 15.41 6.20
C ARG B 98 -0.43 15.61 5.52
N PHE B 99 -0.50 16.53 4.55
CA PHE B 99 -1.76 16.78 3.85
C PHE B 99 -2.22 15.54 3.08
N CYS B 100 -1.30 14.85 2.42
CA CYS B 100 -1.66 13.68 1.63
C CYS B 100 -2.14 12.53 2.50
N LYS B 101 -1.49 12.33 3.65
CA LYS B 101 -1.91 11.23 4.51
C LYS B 101 -3.13 11.63 5.33
N GLU B 102 -3.09 12.80 5.97
CA GLU B 102 -4.13 13.12 6.96
C GLU B 102 -5.40 13.64 6.31
N GLU B 103 -5.28 14.46 5.26
CA GLU B 103 -6.48 15.03 4.63
C GLU B 103 -6.92 14.26 3.39
N LEU B 104 -6.00 13.78 2.58
CA LEU B 104 -6.36 13.03 1.38
C LEU B 104 -6.40 11.51 1.61
N ALA B 105 -5.85 11.03 2.72
CA ALA B 105 -5.84 9.59 3.03
C ALA B 105 -5.27 8.76 1.88
N LEU B 106 -4.21 9.27 1.26
CA LEU B 106 -3.54 8.51 0.22
C LEU B 106 -2.92 7.26 0.83
N PRO B 107 -3.16 6.08 0.25
CA PRO B 107 -2.65 4.84 0.86
C PRO B 107 -1.13 4.70 0.79
N SER B 108 -0.44 5.44 -0.07
CA SER B 108 1.01 5.35 -0.10
C SER B 108 1.60 6.72 -0.39
N VAL B 109 2.33 7.25 0.58
CA VAL B 109 3.03 8.52 0.44
C VAL B 109 4.51 8.25 0.61
N SER B 110 5.30 8.54 -0.42
N SER B 110 5.30 8.54 -0.41
CA SER B 110 6.72 8.25 -0.40
CA SER B 110 6.72 8.26 -0.42
C SER B 110 7.51 9.49 -0.80
C SER B 110 7.51 9.50 -0.79
N ILE B 111 8.81 9.45 -0.49
CA ILE B 111 9.77 10.49 -0.86
C ILE B 111 11.03 9.79 -1.40
N VAL B 112 11.61 10.35 -2.45
N VAL B 112 11.63 10.36 -2.43
CA VAL B 112 12.97 10.01 -2.88
CA VAL B 112 12.98 9.98 -2.83
C VAL B 112 13.84 11.22 -2.57
C VAL B 112 13.87 11.19 -2.62
N SER B 113 14.97 10.98 -1.89
CA SER B 113 15.83 12.04 -1.41
C SER B 113 17.28 11.61 -1.49
N ASN B 114 18.18 12.59 -1.70
CA ASN B 114 19.61 12.29 -1.54
C ASN B 114 19.99 12.13 -0.07
N GLY B 115 19.09 12.43 0.86
CA GLY B 115 19.29 12.15 2.27
C GLY B 115 20.12 13.15 3.04
N SER B 116 20.90 13.99 2.34
CA SER B 116 21.90 14.83 3.01
C SER B 116 21.29 15.93 3.86
N LEU B 117 20.04 16.33 3.61
CA LEU B 117 19.44 17.46 4.31
C LEU B 117 18.34 17.04 5.30
N ILE B 118 18.11 15.74 5.45
CA ILE B 118 17.08 15.26 6.36
C ILE B 118 17.57 15.41 7.80
N ARG B 119 16.75 16.05 8.63
CA ARG B 119 17.00 16.23 10.06
C ARG B 119 16.15 15.24 10.86
N GLU B 120 16.69 14.82 12.00
CA GLU B 120 15.93 13.89 12.83
C GLU B 120 14.62 14.53 13.32
N ARG B 121 14.65 15.83 13.58
CA ARG B 121 13.44 16.54 14.04
C ARG B 121 12.31 16.43 13.03
N TRP B 122 12.64 16.30 11.73
CA TRP B 122 11.63 16.12 10.71
C TRP B 122 10.85 14.83 10.93
N PHE B 123 11.55 13.73 11.23
CA PHE B 123 10.88 12.48 11.57
C PHE B 123 9.94 12.65 12.76
N LYS B 124 10.38 13.38 13.79
CA LYS B 124 9.52 13.60 14.94
C LYS B 124 8.24 14.34 14.54
N ASP B 125 8.36 15.34 13.68
CA ASP B 125 7.22 16.18 13.32
C ASP B 125 6.32 15.52 12.28
N TYR B 126 6.91 14.80 11.32
CA TYR B 126 6.16 14.35 10.16
C TYR B 126 6.24 12.85 9.90
N GLY B 127 7.06 12.10 10.64
CA GLY B 127 7.30 10.71 10.28
C GLY B 127 6.06 9.85 10.30
N GLU B 128 5.09 10.20 11.16
CA GLU B 128 3.84 9.44 11.25
C GLU B 128 3.06 9.43 9.95
N TYR B 129 3.25 10.45 9.12
CA TYR B 129 2.47 10.60 7.89
C TYR B 129 3.15 10.01 6.68
N LEU B 130 4.43 9.65 6.81
CA LEU B 130 5.24 9.18 5.70
C LEU B 130 5.23 7.66 5.68
N ASP B 131 4.93 7.08 4.52
CA ASP B 131 4.96 5.62 4.42
C ASP B 131 6.35 5.12 4.10
N ILE B 132 7.01 5.74 3.14
CA ILE B 132 8.23 5.20 2.55
C ILE B 132 9.24 6.33 2.38
N LEU B 133 10.49 6.07 2.77
CA LEU B 133 11.60 6.95 2.43
C LEU B 133 12.59 6.15 1.59
N ALA B 134 12.87 6.64 0.37
CA ALA B 134 13.87 6.04 -0.50
C ALA B 134 15.06 6.98 -0.57
N ILE B 135 16.24 6.47 -0.22
CA ILE B 135 17.46 7.27 -0.25
C ILE B 135 18.28 6.86 -1.45
N SER B 136 18.76 7.86 -2.20
CA SER B 136 19.57 7.58 -3.38
C SER B 136 21.02 7.39 -2.97
N CYS B 137 21.58 6.24 -3.30
CA CYS B 137 22.99 5.98 -3.04
C CYS B 137 23.49 5.06 -4.13
N ASP B 138 24.41 5.53 -4.94
CA ASP B 138 24.81 4.79 -6.12
C ASP B 138 25.98 3.85 -5.89
N SER B 139 26.75 4.04 -4.83
CA SER B 139 27.95 3.25 -4.65
C SER B 139 28.24 3.16 -3.16
N PHE B 140 28.88 2.07 -2.75
CA PHE B 140 29.43 2.00 -1.41
C PHE B 140 30.92 2.31 -1.38
N ASP B 141 31.45 2.81 -2.50
CA ASP B 141 32.80 3.37 -2.57
C ASP B 141 32.64 4.89 -2.46
N GLU B 142 33.10 5.45 -1.34
CA GLU B 142 32.92 6.89 -1.13
C GLU B 142 33.60 7.71 -2.24
N GLN B 143 34.74 7.25 -2.73
CA GLN B 143 35.40 7.99 -3.79
C GLN B 143 34.57 8.01 -5.07
N VAL B 144 33.76 6.97 -5.29
CA VAL B 144 32.90 6.96 -6.47
C VAL B 144 31.71 7.91 -6.26
N ASN B 145 31.10 7.91 -5.08
CA ASN B 145 30.06 8.89 -4.79
C ASN B 145 30.56 10.31 -5.00
N ALA B 146 31.80 10.58 -4.60
CA ALA B 146 32.34 11.92 -4.78
C ALA B 146 32.55 12.24 -6.26
N LEU B 147 33.14 11.31 -7.01
CA LEU B 147 33.48 11.62 -8.38
C LEU B 147 32.23 11.79 -9.25
N ILE B 148 31.14 11.07 -8.94
CA ILE B 148 29.91 11.26 -9.71
C ILE B 148 29.13 12.50 -9.28
N GLY B 149 29.55 13.17 -8.21
CA GLY B 149 28.96 14.43 -7.82
C GLY B 149 27.87 14.31 -6.77
N ARG B 150 27.68 13.11 -6.19
CA ARG B 150 26.72 12.88 -5.10
C ARG B 150 27.34 13.29 -3.77
N GLY B 151 27.52 14.61 -3.61
CA GLY B 151 28.00 15.18 -2.36
C GLY B 151 29.48 15.53 -2.31
N GLN B 152 30.25 15.17 -3.34
CA GLN B 152 31.68 15.52 -3.46
C GLN B 152 32.50 15.09 -2.24
N GLY B 153 32.05 14.08 -1.51
CA GLY B 153 32.78 13.56 -0.36
C GLY B 153 32.91 14.52 0.81
N LYS B 154 32.15 15.62 0.80
CA LYS B 154 32.15 16.53 1.94
C LYS B 154 31.55 15.86 3.17
N LYS B 155 30.41 15.20 3.01
CA LYS B 155 29.91 14.26 4.01
C LYS B 155 30.34 12.84 3.61
N ASN B 156 30.09 11.89 4.49
CA ASN B 156 30.30 10.47 4.18
C ASN B 156 28.94 9.92 3.78
N HIS B 157 28.73 9.74 2.47
CA HIS B 157 27.39 9.39 1.97
C HIS B 157 26.95 8.03 2.49
N VAL B 158 27.86 7.06 2.60
CA VAL B 158 27.44 5.72 3.01
C VAL B 158 27.09 5.71 4.49
N GLU B 159 27.86 6.41 5.31
CA GLU B 159 27.54 6.51 6.73
C GLU B 159 26.21 7.23 6.95
N ASN B 160 25.89 8.22 6.11
CA ASN B 160 24.59 8.87 6.24
C ASN B 160 23.45 7.95 5.79
N LEU B 161 23.72 7.03 4.86
CA LEU B 161 22.74 6.02 4.49
C LEU B 161 22.41 5.13 5.68
N GLN B 162 23.44 4.68 6.40
CA GLN B 162 23.23 3.85 7.58
C GLN B 162 22.50 4.63 8.69
N LYS B 163 22.82 5.91 8.85
CA LYS B 163 22.14 6.75 9.83
C LYS B 163 20.66 6.88 9.48
N LEU B 164 20.37 7.19 8.22
CA LEU B 164 18.98 7.31 7.79
C LEU B 164 18.24 5.98 7.92
N ARG B 165 18.92 4.87 7.63
CA ARG B 165 18.30 3.56 7.79
C ARG B 165 17.87 3.32 9.23
N ARG B 166 18.72 3.74 10.17
CA ARG B 166 18.41 3.61 11.59
C ARG B 166 17.27 4.54 11.99
N TRP B 167 17.26 5.80 11.52
CA TRP B 167 16.14 6.68 11.80
C TRP B 167 14.82 6.07 11.31
N CYS B 168 14.82 5.51 10.09
CA CYS B 168 13.61 4.89 9.57
C CYS B 168 13.17 3.72 10.44
N ARG B 169 14.15 2.98 10.98
CA ARG B 169 13.80 1.91 11.91
C ARG B 169 13.17 2.47 13.19
N ASP B 170 13.76 3.54 13.74
CA ASP B 170 13.26 4.08 15.02
C ASP B 170 11.90 4.72 14.86
N TYR B 171 11.63 5.36 13.73
CA TYR B 171 10.36 6.05 13.53
C TYR B 171 9.38 5.22 12.72
N LYS B 172 9.74 3.98 12.38
CA LYS B 172 8.86 3.01 11.74
C LYS B 172 8.39 3.47 10.36
N VAL B 173 9.32 3.99 9.57
CA VAL B 173 9.10 4.35 8.17
C VAL B 173 9.73 3.28 7.30
N ALA B 174 9.03 2.85 6.25
CA ALA B 174 9.60 1.87 5.33
C ALA B 174 10.76 2.50 4.56
N PHE B 175 11.87 1.75 4.43
CA PHE B 175 13.13 2.27 3.88
C PHE B 175 13.46 1.59 2.56
N LYS B 176 13.73 2.39 1.52
CA LYS B 176 14.14 1.89 0.22
C LYS B 176 15.45 2.56 -0.19
N ILE B 177 16.19 1.90 -1.07
CA ILE B 177 17.41 2.46 -1.67
C ILE B 177 17.22 2.54 -3.17
N ASN B 178 17.49 3.71 -3.75
CA ASN B 178 17.55 3.89 -5.20
C ASN B 178 19.02 3.98 -5.62
N SER B 179 19.38 3.26 -6.68
CA SER B 179 20.73 3.33 -7.23
C SER B 179 20.67 3.54 -8.73
N VAL B 180 21.46 4.48 -9.24
CA VAL B 180 21.60 4.68 -10.67
C VAL B 180 22.84 3.90 -11.11
N ILE B 181 22.64 2.89 -11.96
CA ILE B 181 23.74 2.06 -12.42
C ILE B 181 24.35 2.74 -13.62
N ASN B 182 25.64 3.05 -13.53
CA ASN B 182 26.32 3.85 -14.52
C ASN B 182 27.72 3.28 -14.69
N ARG B 183 28.55 3.93 -15.52
N ARG B 183 28.54 3.97 -15.50
CA ARG B 183 29.85 3.34 -15.83
CA ARG B 183 29.85 3.44 -15.86
C ARG B 183 30.72 3.15 -14.59
C ARG B 183 30.77 3.28 -14.67
N PHE B 184 30.50 3.96 -13.55
CA PHE B 184 31.40 3.93 -12.40
C PHE B 184 30.98 2.94 -11.31
N ASN B 185 29.80 2.32 -11.42
CA ASN B 185 29.39 1.29 -10.48
C ASN B 185 28.88 0.03 -11.17
N VAL B 186 28.94 -0.06 -12.50
CA VAL B 186 28.35 -1.24 -13.15
C VAL B 186 29.17 -2.50 -12.87
N ASP B 187 30.46 -2.37 -12.56
CA ASP B 187 31.30 -3.50 -12.16
C ASP B 187 31.34 -3.70 -10.65
N GLU B 188 30.56 -2.93 -9.88
CA GLU B 188 30.64 -3.00 -8.42
C GLU B 188 29.77 -4.13 -7.88
N ASP B 189 30.22 -4.72 -6.76
CA ASP B 189 29.47 -5.73 -6.03
C ASP B 189 28.95 -5.11 -4.74
N MET B 190 27.63 -4.92 -4.66
CA MET B 190 26.99 -4.29 -3.52
C MET B 190 26.17 -5.25 -2.67
N ASN B 191 26.26 -6.56 -2.93
CA ASN B 191 25.41 -7.53 -2.26
C ASN B 191 25.44 -7.39 -0.74
N GLU B 192 26.63 -7.45 -0.14
CA GLU B 192 26.70 -7.48 1.31
C GLU B 192 26.24 -6.16 1.92
N HIS B 193 26.56 -5.04 1.26
CA HIS B 193 26.15 -3.73 1.79
C HIS B 193 24.63 -3.59 1.75
N ILE B 194 24.00 -4.02 0.67
CA ILE B 194 22.55 -3.90 0.57
C ILE B 194 21.89 -4.83 1.59
N LYS B 195 22.38 -6.06 1.69
CA LYS B 195 21.80 -7.00 2.66
C LYS B 195 21.94 -6.48 4.08
N ALA B 196 23.09 -5.90 4.42
CA ALA B 196 23.26 -5.38 5.78
C ALA B 196 22.32 -4.21 6.05
N LEU B 197 21.90 -3.47 5.02
CA LEU B 197 20.98 -2.36 5.22
C LEU B 197 19.52 -2.80 5.26
N SER B 198 19.24 -4.04 4.85
CA SER B 198 17.91 -4.66 4.83
C SER B 198 16.80 -3.69 4.43
N PRO B 199 16.85 -3.13 3.23
CA PRO B 199 15.78 -2.26 2.77
C PRO B 199 14.57 -3.07 2.36
N VAL B 200 13.41 -2.39 2.30
CA VAL B 200 12.21 -3.01 1.76
C VAL B 200 12.39 -3.33 0.29
N ARG B 201 13.08 -2.44 -0.44
CA ARG B 201 13.26 -2.59 -1.87
C ARG B 201 14.57 -1.91 -2.25
N TRP B 202 15.29 -2.50 -3.19
CA TRP B 202 16.47 -1.88 -3.79
C TRP B 202 16.13 -1.66 -5.26
N LYS B 203 15.86 -0.42 -5.61
CA LYS B 203 15.45 -0.07 -6.96
C LYS B 203 16.69 0.36 -7.74
N VAL B 204 17.01 -0.35 -8.81
CA VAL B 204 18.26 -0.12 -9.53
C VAL B 204 17.93 0.34 -10.95
N PHE B 205 18.26 1.59 -11.25
CA PHE B 205 17.89 2.26 -12.49
C PHE B 205 19.09 2.24 -13.44
N GLN B 206 18.88 1.77 -14.66
CA GLN B 206 19.87 2.01 -15.69
C GLN B 206 19.97 3.51 -15.94
N CYS B 207 21.19 4.02 -16.04
CA CYS B 207 21.33 5.46 -16.29
C CYS B 207 20.55 5.85 -17.54
N LEU B 208 19.71 6.87 -17.41
CA LEU B 208 18.85 7.33 -18.48
C LEU B 208 19.33 8.68 -19.01
N LEU B 209 19.36 8.79 -20.34
CA LEU B 209 19.62 10.05 -21.02
C LEU B 209 18.28 10.67 -21.41
N ILE B 210 18.06 11.93 -21.04
CA ILE B 210 16.84 12.64 -21.39
C ILE B 210 17.25 13.92 -22.11
N GLU B 211 16.81 14.06 -23.36
CA GLU B 211 17.20 15.21 -24.16
C GLU B 211 16.63 16.49 -23.57
N GLY B 212 17.48 17.50 -23.44
CA GLY B 212 17.07 18.73 -22.79
C GLY B 212 17.17 18.69 -21.28
N GLU B 213 17.56 17.56 -20.70
CA GLU B 213 17.87 17.49 -19.28
C GLU B 213 19.36 17.25 -19.06
N ASN B 214 19.89 16.08 -19.48
CA ASN B 214 21.29 15.73 -19.26
C ASN B 214 22.00 15.36 -20.56
N SER B 215 21.62 15.95 -21.68
CA SER B 215 22.38 15.73 -22.91
C SER B 215 22.35 17.00 -23.75
N GLY B 216 23.43 17.21 -24.49
CA GLY B 216 23.60 18.39 -25.32
C GLY B 216 24.52 19.40 -24.66
N GLU B 217 25.09 20.28 -25.51
CA GLU B 217 26.11 21.22 -25.08
C GLU B 217 25.55 22.27 -24.14
N ASP B 218 24.26 22.54 -24.22
CA ASP B 218 23.65 23.60 -23.43
C ASP B 218 22.94 23.09 -22.19
N ALA B 219 22.88 21.77 -22.03
CA ALA B 219 22.24 21.18 -20.85
C ALA B 219 23.04 21.50 -19.59
N LEU B 220 22.33 21.48 -18.45
CA LEU B 220 22.99 21.69 -17.16
C LEU B 220 23.92 20.53 -16.80
N ARG B 221 23.66 19.34 -17.33
CA ARG B 221 24.48 18.16 -17.10
C ARG B 221 24.66 17.45 -18.44
N GLU B 222 25.76 16.71 -18.56
CA GLU B 222 26.02 15.89 -19.74
C GLU B 222 26.29 14.46 -19.27
N ALA B 223 25.31 13.58 -19.45
CA ALA B 223 25.32 12.24 -18.85
C ALA B 223 26.03 11.19 -19.69
N GLU B 224 26.41 11.51 -20.94
CA GLU B 224 26.90 10.48 -21.85
C GLU B 224 28.10 9.72 -21.26
N ARG B 225 29.00 10.44 -20.57
CA ARG B 225 30.09 9.79 -19.83
C ARG B 225 29.60 8.61 -18.98
N PHE B 226 28.39 8.68 -18.46
CA PHE B 226 27.92 7.70 -17.47
C PHE B 226 27.12 6.54 -18.05
N LEU B 227 26.76 6.59 -19.33
CA LEU B 227 25.78 5.63 -19.85
C LEU B 227 26.36 4.23 -20.00
N ILE B 228 25.49 3.23 -19.78
CA ILE B 228 25.86 1.82 -19.98
C ILE B 228 24.87 1.17 -20.93
N SER B 229 25.34 0.12 -21.61
CA SER B 229 24.49 -0.64 -22.50
C SER B 229 23.50 -1.50 -21.71
N ASN B 230 22.47 -1.99 -22.41
CA ASN B 230 21.54 -2.91 -21.77
C ASN B 230 22.27 -4.18 -21.31
N GLU B 231 23.22 -4.65 -22.11
CA GLU B 231 23.99 -5.83 -21.74
C GLU B 231 24.81 -5.60 -20.46
N GLU B 232 25.49 -4.46 -20.38
CA GLU B 232 26.22 -4.10 -19.15
C GLU B 232 25.27 -4.02 -17.96
N PHE B 233 24.08 -3.45 -18.15
CA PHE B 233 23.12 -3.36 -17.06
C PHE B 233 22.70 -4.76 -16.60
N GLU B 234 22.45 -5.66 -17.55
CA GLU B 234 22.07 -7.02 -17.20
C GLU B 234 23.17 -7.72 -16.42
N THR B 235 24.43 -7.45 -16.76
CA THR B 235 25.55 -8.03 -16.02
C THR B 235 25.55 -7.58 -14.56
N PHE B 236 25.23 -6.31 -14.31
CA PHE B 236 25.07 -5.84 -12.93
C PHE B 236 23.97 -6.60 -12.21
N LEU B 237 22.81 -6.76 -12.87
CA LEU B 237 21.71 -7.52 -12.26
C LEU B 237 22.13 -8.95 -11.95
N GLU B 238 22.84 -9.60 -12.88
CA GLU B 238 23.31 -10.98 -12.67
C GLU B 238 24.19 -11.08 -11.42
N ARG B 239 25.06 -10.09 -11.20
CA ARG B 239 25.92 -10.12 -10.02
C ARG B 239 25.12 -10.03 -8.72
N HIS B 240 23.91 -9.50 -8.76
CA HIS B 240 23.13 -9.24 -7.54
C HIS B 240 21.87 -10.09 -7.43
N LYS B 241 21.89 -11.30 -8.00
CA LYS B 241 20.77 -12.24 -7.85
C LYS B 241 20.52 -12.65 -6.41
N GLU B 242 21.51 -12.51 -5.53
CA GLU B 242 21.32 -12.85 -4.12
C GLU B 242 20.34 -11.92 -3.42
N VAL B 243 20.24 -10.67 -3.88
CA VAL B 243 19.40 -9.64 -3.26
C VAL B 243 17.98 -9.84 -3.77
N SER B 244 17.11 -10.48 -2.98
CA SER B 244 15.77 -10.77 -3.46
C SER B 244 14.90 -9.52 -3.54
N CYS B 245 15.24 -8.45 -2.82
CA CYS B 245 14.44 -7.23 -2.85
C CYS B 245 14.86 -6.28 -3.95
N LEU B 246 15.70 -6.72 -4.88
CA LEU B 246 16.13 -5.91 -6.01
C LEU B 246 15.04 -5.78 -7.06
N VAL B 247 14.80 -4.56 -7.53
CA VAL B 247 13.84 -4.34 -8.61
C VAL B 247 14.49 -3.52 -9.71
N PRO B 248 14.67 -4.08 -10.91
CA PRO B 248 15.38 -3.34 -11.96
C PRO B 248 14.47 -2.37 -12.69
N GLU B 249 15.07 -1.24 -13.10
CA GLU B 249 14.37 -0.20 -13.85
C GLU B 249 15.23 0.13 -15.08
N SER B 250 15.05 -0.65 -16.15
CA SER B 250 15.79 -0.39 -17.37
C SER B 250 15.33 0.92 -18.00
N ASN B 251 16.11 1.37 -18.99
CA ASN B 251 15.72 2.56 -19.76
C ASN B 251 14.32 2.41 -20.33
N GLN B 252 14.00 1.22 -20.85
CA GLN B 252 12.70 1.03 -21.48
C GLN B 252 11.58 1.09 -20.46
N LYS B 253 11.79 0.48 -19.29
CA LYS B 253 10.78 0.53 -18.25
C LYS B 253 10.51 1.96 -17.81
N MET B 254 11.57 2.74 -17.59
CA MET B 254 11.40 4.14 -17.16
C MET B 254 10.60 4.93 -18.17
N LYS B 255 10.89 4.75 -19.47
CA LYS B 255 10.16 5.49 -20.49
C LYS B 255 8.70 5.09 -20.56
N ASP B 256 8.38 3.85 -20.21
CA ASP B 256 7.01 3.36 -20.35
C ASP B 256 6.18 3.48 -19.08
N SER B 257 6.80 3.75 -17.93
CA SER B 257 6.03 3.76 -16.69
C SER B 257 6.36 4.90 -15.74
N TYR B 258 7.39 5.68 -15.96
CA TYR B 258 7.76 6.73 -15.01
C TYR B 258 7.10 8.04 -15.44
N LEU B 259 6.09 8.46 -14.68
CA LEU B 259 5.31 9.65 -14.98
C LEU B 259 5.72 10.77 -14.03
N ILE B 260 6.02 11.93 -14.60
CA ILE B 260 6.52 13.07 -13.85
C ILE B 260 5.42 14.13 -13.78
N LEU B 261 5.23 14.69 -12.58
CA LEU B 261 4.47 15.92 -12.40
C LEU B 261 5.45 17.00 -12.00
N ASP B 262 5.59 18.04 -12.84
CA ASP B 262 6.70 18.98 -12.64
C ASP B 262 6.30 20.04 -11.60
N GLU B 263 7.17 21.03 -11.43
CA GLU B 263 6.98 22.02 -10.37
C GLU B 263 5.85 23.00 -10.66
N TYR B 264 5.30 22.99 -11.88
CA TYR B 264 4.09 23.73 -12.20
C TYR B 264 2.87 22.81 -12.24
N MET B 265 3.05 21.57 -11.81
CA MET B 265 2.03 20.52 -11.89
C MET B 265 1.57 20.30 -13.33
N ARG B 266 2.56 20.20 -14.21
CA ARG B 266 2.37 19.74 -15.58
C ARG B 266 2.97 18.35 -15.72
N PHE B 267 2.38 17.54 -16.60
CA PHE B 267 2.85 16.18 -16.81
C PHE B 267 3.96 16.15 -17.86
N LEU B 268 4.97 15.32 -17.61
CA LEU B 268 6.01 15.02 -18.58
C LEU B 268 6.37 13.53 -18.47
N ASN B 269 7.09 13.04 -19.46
CA ASN B 269 7.59 11.67 -19.47
C ASN B 269 9.11 11.68 -19.60
N CYS B 270 9.70 10.50 -19.77
CA CYS B 270 11.14 10.34 -19.84
C CYS B 270 11.64 9.97 -21.23
N THR B 271 10.78 9.96 -22.23
CA THR B 271 11.19 9.58 -23.59
C THR B 271 12.15 10.58 -24.21
N PRO B 277 5.82 19.47 -22.60
CA PRO B 277 5.07 19.48 -21.33
C PRO B 277 3.60 19.81 -21.55
N SER B 278 2.73 19.28 -20.68
CA SER B 278 1.31 19.52 -20.80
C SER B 278 0.93 20.82 -20.11
N LYS B 279 -0.33 21.21 -20.24
CA LYS B 279 -0.83 22.29 -19.41
C LYS B 279 -0.90 21.82 -17.95
N SER B 280 -0.90 22.78 -17.03
CA SER B 280 -0.99 22.44 -15.62
C SER B 280 -2.37 21.89 -15.28
N ILE B 281 -2.39 20.93 -14.34
CA ILE B 281 -3.65 20.45 -13.82
C ILE B 281 -4.38 21.56 -13.07
N LEU B 282 -3.64 22.55 -12.56
CA LEU B 282 -4.26 23.69 -11.90
C LEU B 282 -5.01 24.58 -12.88
N ASP B 283 -4.79 24.43 -14.18
CA ASP B 283 -5.47 25.23 -15.19
C ASP B 283 -6.58 24.47 -15.92
N VAL B 284 -6.31 23.22 -16.32
CA VAL B 284 -7.24 22.48 -17.16
C VAL B 284 -7.72 21.20 -16.48
N GLY B 285 -7.35 20.99 -15.21
CA GLY B 285 -7.76 19.80 -14.49
C GLY B 285 -6.94 18.59 -14.87
N VAL B 286 -7.12 17.52 -14.10
CA VAL B 286 -6.32 16.31 -14.30
C VAL B 286 -6.66 15.66 -15.64
N GLU B 287 -7.96 15.53 -15.94
CA GLU B 287 -8.40 14.74 -17.08
C GLU B 287 -7.84 15.29 -18.40
N GLU B 288 -7.89 16.62 -18.57
CA GLU B 288 -7.37 17.20 -19.81
C GLU B 288 -5.86 17.13 -19.87
N ALA B 289 -5.19 17.36 -18.74
CA ALA B 289 -3.74 17.55 -18.73
C ALA B 289 -2.96 16.28 -19.05
N ILE B 290 -3.55 15.10 -18.88
CA ILE B 290 -2.83 13.85 -19.07
C ILE B 290 -3.05 13.35 -20.50
N LYS B 291 -3.51 14.24 -21.37
CA LYS B 291 -3.82 13.86 -22.74
C LYS B 291 -2.90 14.55 -23.74
FE1 SF4 C . -11.53 -2.43 1.58
FE2 SF4 C . -10.04 -1.84 3.75
FE3 SF4 C . -9.24 -3.68 2.08
FE4 SF4 C . -11.63 -4.09 3.63
S1 SF4 C . -9.27 -3.86 4.22
S2 SF4 C . -11.10 -4.58 1.25
S3 SF4 C . -12.35 -1.97 3.72
S4 SF4 C . -9.43 -1.46 1.51
N SAH D . -13.88 -5.16 3.14
CA SAH D . -14.33 -5.94 4.32
CB SAH D . -13.87 -7.39 4.24
CG SAH D . -12.66 -7.61 3.32
SD SAH D . -11.15 -7.54 4.22
C SAH D . -13.84 -5.31 5.60
O SAH D . -12.94 -4.48 5.64
OXT SAH D . -14.35 -5.63 6.66
C5' SAH D . -11.38 -9.01 5.20
C4' SAH D . -10.75 -8.88 6.59
O4' SAH D . -9.33 -8.94 6.45
C3' SAH D . -11.09 -7.56 7.29
O3' SAH D . -11.32 -7.68 8.71
C2' SAH D . -9.81 -6.79 7.07
O2' SAH D . -9.70 -5.67 7.96
C1' SAH D . -8.80 -7.91 7.23
N9 SAH D . -7.49 -7.46 6.70
C8 SAH D . -7.29 -6.61 5.68
N7 SAH D . -5.97 -6.40 5.49
C5 SAH D . -5.31 -7.12 6.40
C6 SAH D . -3.90 -7.37 6.74
N6 SAH D . -2.92 -6.74 6.04
N1 SAH D . -3.64 -8.21 7.76
C2 SAH D . -4.61 -8.83 8.46
N3 SAH D . -5.92 -8.67 8.20
C4 SAH D . -6.31 -7.85 7.20
FE1 SF4 E . 20.21 16.41 -7.00
FE2 SF4 E . 21.67 14.24 -7.73
FE3 SF4 E . 19.99 15.35 -9.32
FE4 SF4 E . 19.10 14.09 -6.88
S1 SF4 E . 20.24 13.13 -8.81
S2 SF4 E . 18.37 16.14 -8.01
S3 SF4 E . 20.84 14.64 -5.60
S4 SF4 E . 21.83 16.44 -8.64
N SAH F . 17.36 14.51 -5.14
CA SAH F . 16.59 13.27 -4.92
CB SAH F . 15.41 13.12 -5.91
CG SAH F . 15.58 13.63 -7.33
SD SAH F . 16.10 12.41 -8.51
C SAH F . 17.49 12.07 -5.03
O SAH F . 18.58 12.05 -5.61
OXT SAH F . 17.10 11.02 -4.56
C5' SAH F . 14.91 11.08 -8.36
C4' SAH F . 15.63 9.74 -8.59
O4' SAH F . 16.09 9.64 -9.96
C3' SAH F . 16.89 9.63 -7.72
O3' SAH F . 17.00 8.31 -7.16
C2' SAH F . 18.04 9.78 -8.69
O2' SAH F . 19.23 9.15 -8.22
C1' SAH F . 17.44 9.17 -9.95
N9 SAH F . 18.17 9.64 -11.15
C8 SAH F . 18.79 10.82 -11.29
N7 SAH F . 19.38 10.92 -12.52
C5 SAH F . 19.11 9.79 -13.18
C6 SAH F . 19.42 9.25 -14.51
N6 SAH F . 20.15 9.97 -15.40
N1 SAH F . 18.95 8.03 -14.81
C2 SAH F . 18.22 7.30 -13.95
N3 SAH F . 17.90 7.73 -12.72
C4 SAH F . 18.31 8.93 -12.28
#